data_4KV9
#
_entry.id   4KV9
#
_cell.length_a   160.900
_cell.length_b   45.050
_cell.length_c   95.490
_cell.angle_alpha   90.000
_cell.angle_beta   112.170
_cell.angle_gamma   90.000
#
_symmetry.space_group_name_H-M   'C 1 2 1'
#
loop_
_entity.id
_entity.type
_entity.pdbx_description
1 polymer Septin
2 non-polymer "GUANOSINE-5'-DIPHOSPHATE"
3 water water
#
_entity_poly.entity_id   1
_entity_poly.type   'polypeptide(L)'
_entity_poly.pdbx_seq_one_letter_code
;MTADVLKALPPDVRTLKLSGHVGFDSLPDQLVNKAISQGFVFNILCVGETGIGKSTLLETLFNQKFDFSPSTHDLTDPKL
KAVTYDLKEANVKLKLTVVETCGYGDQINKENNIKPVVDYIDNQFENYLQEELKMKRSMQAFHDTRVHVCLYFIAPTGHS
LKSIDLVAMKKLENKVNVIPVIAKSDTITKSELQKFKARILSEIQSNEIGIYQFPTDDEAVSETNSVMNQHIPFAVVGSS
EEVKINGKTVRVRQYPWGSVQVENENHCDFVRLREMLLRVNMEDLRERTHGVHYETYRRQRLIEMGFRDDEKMSLQETYE
KRRELQRKELQQKEEEMRQMFVQRVKEKEQVLKEAERELQTKFESLKKTHAEEKKKLEEKKRFLEEEIAAFERRKQLAEQ
ARQGNLTMKKRK
;
_entity_poly.pdbx_strand_id   A,B
#
# COMPACT_ATOMS: atom_id res chain seq x y z
N PHE A 40 -32.10 13.68 14.14
CA PHE A 40 -31.22 13.83 13.00
C PHE A 40 -30.16 12.75 13.05
N VAL A 41 -30.11 11.93 12.02
CA VAL A 41 -29.13 10.86 11.93
C VAL A 41 -28.18 11.15 10.80
N PHE A 42 -26.96 10.63 10.89
CA PHE A 42 -26.03 10.71 9.78
C PHE A 42 -25.15 9.46 9.73
N ASN A 43 -25.17 8.74 8.61
CA ASN A 43 -24.55 7.42 8.53
C ASN A 43 -23.42 7.39 7.53
N ILE A 44 -22.23 7.04 8.02
CA ILE A 44 -21.02 7.10 7.21
C ILE A 44 -20.44 5.68 7.03
N LEU A 45 -20.14 5.33 5.79
CA LEU A 45 -19.49 4.07 5.47
C LEU A 45 -18.08 4.30 4.92
N CYS A 46 -17.09 3.64 5.52
CA CYS A 46 -15.71 3.64 5.02
C CYS A 46 -15.37 2.29 4.39
N VAL A 47 -14.87 2.32 3.15
CA VAL A 47 -14.61 1.12 2.39
C VAL A 47 -13.16 1.17 1.92
N GLY A 48 -12.45 0.07 2.08
CA GLY A 48 -11.09 -0.05 1.60
C GLY A 48 -10.38 -1.28 2.11
N GLU A 49 -9.17 -1.51 1.61
CA GLU A 49 -8.41 -2.72 1.97
C GLU A 49 -8.02 -2.67 3.44
N THR A 50 -7.74 -3.82 4.03
CA THR A 50 -7.39 -3.86 5.45
C THR A 50 -6.15 -3.01 5.75
N GLY A 51 -6.16 -2.32 6.89
CA GLY A 51 -4.99 -1.62 7.38
C GLY A 51 -4.68 -0.33 6.66
N ILE A 52 -5.66 0.20 5.93
CA ILE A 52 -5.43 1.38 5.08
C ILE A 52 -5.75 2.71 5.79
N GLY A 53 -6.23 2.64 7.03
CA GLY A 53 -6.35 3.79 7.91
C GLY A 53 -7.80 4.18 8.16
N LYS A 54 -8.72 3.28 7.84
CA LYS A 54 -10.14 3.63 7.88
C LYS A 54 -10.60 3.95 9.30
N SER A 55 -10.28 3.10 10.25
CA SER A 55 -10.79 3.30 11.59
C SER A 55 -10.10 4.51 12.21
N THR A 56 -8.83 4.72 11.89
CA THR A 56 -8.09 5.86 12.42
C THR A 56 -8.69 7.17 11.91
N LEU A 57 -9.12 7.20 10.65
CA LEU A 57 -9.69 8.41 10.09
CA LEU A 57 -9.72 8.38 10.06
C LEU A 57 -11.01 8.74 10.77
N LEU A 58 -11.80 7.71 11.09
CA LEU A 58 -13.08 7.99 11.73
C LEU A 58 -12.83 8.62 13.08
N GLU A 59 -11.85 8.07 13.77
CA GLU A 59 -11.45 8.55 15.08
C GLU A 59 -10.95 9.99 15.03
N THR A 60 -10.32 10.37 13.93
CA THR A 60 -9.76 11.68 13.74
C THR A 60 -10.89 12.67 13.38
N LEU A 61 -11.77 12.27 12.46
CA LEU A 61 -12.97 13.05 12.10
C LEU A 61 -13.73 13.52 13.33
N PHE A 62 -13.97 12.60 14.26
CA PHE A 62 -14.77 12.91 15.44
C PHE A 62 -14.02 13.16 16.74
N ASN A 63 -12.68 13.09 16.68
CA ASN A 63 -11.86 13.23 17.87
C ASN A 63 -12.33 12.33 19.01
N GLN A 64 -12.55 11.06 18.70
CA GLN A 64 -13.02 10.08 19.68
C GLN A 64 -12.41 8.73 19.35
N LYS A 65 -11.88 8.05 20.36
CA LYS A 65 -11.45 6.67 20.20
C LYS A 65 -12.72 5.83 20.08
N PHE A 66 -12.85 5.04 19.01
CA PHE A 66 -14.01 4.17 18.85
C PHE A 66 -13.64 2.71 19.11
N ASP A 67 -14.57 1.96 19.70
CA ASP A 67 -14.40 0.51 19.91
C ASP A 67 -15.37 -0.24 19.00
N PHE A 68 -14.89 -0.62 17.81
CA PHE A 68 -15.75 -1.15 16.78
C PHE A 68 -16.26 -2.57 17.09
N LYS A 79 -14.91 -8.57 8.70
CA LYS A 79 -15.75 -8.38 7.53
C LYS A 79 -16.28 -6.94 7.53
N LEU A 80 -17.37 -6.69 8.25
CA LEU A 80 -17.79 -5.32 8.49
C LEU A 80 -18.07 -5.09 9.96
N LYS A 81 -17.78 -3.88 10.44
CA LYS A 81 -17.97 -3.54 11.85
C LYS A 81 -18.59 -2.14 11.90
N ALA A 82 -19.23 -1.81 13.03
CA ALA A 82 -19.95 -0.56 13.18
C ALA A 82 -19.85 -0.05 14.61
N VAL A 83 -20.26 1.19 14.79
CA VAL A 83 -20.27 1.87 16.07
C VAL A 83 -21.40 2.88 15.94
N THR A 84 -22.08 3.18 17.04
CA THR A 84 -23.05 4.27 17.05
C THR A 84 -22.57 5.38 17.96
N TYR A 85 -22.48 6.60 17.42
CA TYR A 85 -21.92 7.73 18.14
C TYR A 85 -22.95 8.84 18.29
N ASP A 86 -23.26 9.18 19.53
CA ASP A 86 -24.20 10.26 19.80
C ASP A 86 -23.44 11.57 19.97
N LEU A 87 -23.28 12.29 18.88
CA LEU A 87 -22.59 13.57 18.87
C LEU A 87 -23.47 14.63 19.53
N LYS A 88 -23.46 14.67 20.86
CA LYS A 88 -24.30 15.60 21.61
C LYS A 88 -23.90 17.06 21.38
N GLU A 89 -22.77 17.24 20.69
CA GLU A 89 -22.34 18.55 20.23
C GLU A 89 -23.45 19.26 19.46
N ALA A 90 -23.76 18.75 18.27
CA ALA A 90 -24.76 19.36 17.40
C ALA A 90 -26.03 18.51 17.29
N ASN A 91 -26.28 17.67 18.30
CA ASN A 91 -27.48 16.83 18.37
C ASN A 91 -27.68 15.88 17.18
N VAL A 92 -26.66 15.07 16.88
CA VAL A 92 -26.77 14.10 15.79
C VAL A 92 -26.35 12.71 16.23
N LYS A 93 -27.11 11.70 15.82
CA LYS A 93 -26.74 10.30 16.09
C LYS A 93 -26.14 9.69 14.85
N LEU A 94 -24.89 9.23 14.96
CA LEU A 94 -24.21 8.68 13.80
C LEU A 94 -24.01 7.19 13.92
N LYS A 95 -24.16 6.52 12.80
CA LYS A 95 -23.72 5.14 12.71
C LYS A 95 -22.51 5.11 11.79
N LEU A 96 -21.38 4.67 12.31
CA LEU A 96 -20.16 4.62 11.54
C LEU A 96 -19.86 3.18 11.19
N THR A 97 -19.77 2.88 9.89
CA THR A 97 -19.60 1.50 9.44
C THR A 97 -18.31 1.39 8.65
N VAL A 98 -17.58 0.30 8.89
CA VAL A 98 -16.29 0.10 8.24
C VAL A 98 -16.33 -1.26 7.55
N VAL A 99 -15.99 -1.31 6.26
CA VAL A 99 -15.99 -2.58 5.55
C VAL A 99 -14.65 -2.81 4.88
N GLU A 100 -14.07 -3.97 5.16
CA GLU A 100 -12.79 -4.34 4.58
C GLU A 100 -13.06 -5.02 3.24
N THR A 101 -12.55 -4.46 2.15
CA THR A 101 -12.64 -5.12 0.84
C THR A 101 -11.39 -5.97 0.54
N CYS A 102 -11.55 -6.94 -0.37
CA CYS A 102 -10.53 -7.94 -0.71
C CYS A 102 -10.23 -8.85 0.48
N GLU A 111 -15.48 -8.19 -9.53
CA GLU A 111 -16.76 -7.51 -9.29
C GLU A 111 -17.48 -8.07 -8.06
N ASN A 112 -17.05 -9.25 -7.60
CA ASN A 112 -17.54 -9.81 -6.34
C ASN A 112 -16.93 -9.11 -5.13
N ASN A 113 -15.93 -8.26 -5.38
CA ASN A 113 -15.21 -7.62 -4.30
C ASN A 113 -16.02 -6.56 -3.57
N ILE A 114 -16.89 -5.86 -4.29
CA ILE A 114 -17.62 -4.78 -3.67
C ILE A 114 -18.95 -5.31 -3.11
N LYS A 115 -19.21 -6.60 -3.31
CA LYS A 115 -20.51 -7.19 -2.96
C LYS A 115 -21.00 -7.03 -1.50
N PRO A 116 -20.16 -7.36 -0.51
CA PRO A 116 -20.55 -7.14 0.90
C PRO A 116 -20.99 -5.70 1.17
N VAL A 117 -20.40 -4.77 0.44
CA VAL A 117 -20.75 -3.37 0.63
C VAL A 117 -22.10 -3.05 0.02
N VAL A 118 -22.28 -3.42 -1.24
CA VAL A 118 -23.57 -3.26 -1.91
C VAL A 118 -24.69 -3.94 -1.11
N ASP A 119 -24.44 -5.16 -0.64
CA ASP A 119 -25.40 -5.88 0.19
C ASP A 119 -25.73 -5.10 1.47
N TYR A 120 -24.71 -4.56 2.13
CA TYR A 120 -24.97 -3.78 3.35
C TYR A 120 -25.88 -2.59 3.04
N ILE A 121 -25.53 -1.83 1.99
CA ILE A 121 -26.30 -0.67 1.59
C ILE A 121 -27.75 -1.06 1.26
N ASP A 122 -27.92 -2.11 0.44
CA ASP A 122 -29.23 -2.59 0.05
C ASP A 122 -30.07 -2.98 1.25
N ASN A 123 -29.45 -3.67 2.22
CA ASN A 123 -30.14 -4.05 3.44
C ASN A 123 -30.72 -2.87 4.23
N GLN A 124 -30.01 -1.74 4.29
CA GLN A 124 -30.54 -0.56 4.97
C GLN A 124 -31.70 0.05 4.20
N PHE A 125 -31.59 0.07 2.87
CA PHE A 125 -32.69 0.51 2.03
C PHE A 125 -33.90 -0.39 2.28
N GLU A 126 -33.68 -1.72 2.27
CA GLU A 126 -34.78 -2.67 2.47
C GLU A 126 -35.51 -2.44 3.78
N ASN A 127 -34.77 -2.21 4.85
CA ASN A 127 -35.41 -2.00 6.15
C ASN A 127 -36.27 -0.74 6.12
N TYR A 128 -35.77 0.29 5.47
CA TYR A 128 -36.50 1.54 5.37
C TYR A 128 -37.77 1.32 4.55
N LEU A 129 -37.64 0.60 3.43
CA LEU A 129 -38.78 0.34 2.57
C LEU A 129 -39.86 -0.47 3.28
N GLN A 130 -39.47 -1.52 3.99
CA GLN A 130 -40.42 -2.37 4.70
C GLN A 130 -41.20 -1.55 5.71
N GLU A 131 -40.50 -0.66 6.39
CA GLU A 131 -41.14 0.28 7.28
C GLU A 131 -42.13 1.23 6.56
N GLU A 132 -41.74 1.79 5.41
CA GLU A 132 -42.64 2.68 4.66
C GLU A 132 -43.90 1.94 4.25
N LEU A 133 -43.77 0.63 4.06
CA LEU A 133 -44.89 -0.18 3.58
C LEU A 133 -45.81 -0.66 4.71
N LYS A 134 -45.38 -0.57 5.97
CA LYS A 134 -46.20 -1.09 7.06
C LYS A 134 -47.53 -0.35 7.19
N MET A 135 -48.56 -1.11 7.53
CA MET A 135 -49.87 -0.58 7.85
C MET A 135 -49.77 0.35 9.06
N LYS A 136 -49.16 -0.13 10.14
CA LYS A 136 -49.02 0.67 11.35
C LYS A 136 -47.61 1.26 11.40
N ARG A 137 -47.36 2.30 10.63
CA ARG A 137 -45.99 2.78 10.55
C ARG A 137 -45.80 4.05 11.37
N SER A 138 -44.56 4.24 11.81
CA SER A 138 -44.19 5.45 12.52
C SER A 138 -42.81 5.84 12.00
N MET A 139 -42.78 6.61 10.91
CA MET A 139 -41.53 6.94 10.25
C MET A 139 -40.64 7.85 11.11
N GLN A 140 -41.23 8.77 11.86
CA GLN A 140 -40.47 9.48 12.89
C GLN A 140 -40.25 8.44 13.99
N ALA A 141 -39.12 8.50 14.67
CA ALA A 141 -38.76 7.50 15.69
C ALA A 141 -38.47 6.10 15.13
N PHE A 142 -38.51 5.95 13.80
CA PHE A 142 -37.85 4.83 13.14
C PHE A 142 -36.36 5.20 13.00
N HIS A 143 -35.46 4.26 13.30
CA HIS A 143 -34.03 4.55 13.14
C HIS A 143 -33.55 4.29 11.70
N ASP A 144 -33.40 5.37 10.96
CA ASP A 144 -32.94 5.32 9.57
C ASP A 144 -31.43 5.04 9.58
N THR A 145 -31.03 3.94 8.95
CA THR A 145 -29.63 3.54 8.97
C THR A 145 -29.10 3.51 7.55
N ARG A 146 -29.86 4.09 6.63
CA ARG A 146 -29.42 4.21 5.24
C ARG A 146 -28.10 5.01 5.18
N VAL A 147 -27.18 4.58 4.32
CA VAL A 147 -25.84 5.12 4.29
C VAL A 147 -25.83 6.44 3.52
N HIS A 148 -25.41 7.50 4.20
CA HIS A 148 -25.54 8.84 3.63
C HIS A 148 -24.30 9.23 2.83
N VAL A 149 -23.17 8.63 3.18
CA VAL A 149 -21.96 8.92 2.44
C VAL A 149 -21.01 7.75 2.55
N CYS A 150 -20.33 7.46 1.46
CA CYS A 150 -19.30 6.43 1.48
C CYS A 150 -17.91 7.01 1.21
N LEU A 151 -17.00 6.92 2.18
CA LEU A 151 -15.61 7.32 1.93
C LEU A 151 -14.89 6.12 1.33
N TYR A 152 -14.48 6.24 0.08
CA TYR A 152 -13.80 5.15 -0.60
C TYR A 152 -12.29 5.37 -0.61
N PHE A 153 -11.57 4.52 0.13
CA PHE A 153 -10.13 4.71 0.31
C PHE A 153 -9.30 4.15 -0.86
N ILE A 154 -8.57 5.03 -1.54
CA ILE A 154 -7.63 4.65 -2.59
C ILE A 154 -6.24 4.57 -2.01
N ALA A 155 -5.52 3.47 -2.26
CA ALA A 155 -4.17 3.28 -1.74
C ALA A 155 -3.20 4.26 -2.39
N PRO A 156 -2.27 4.81 -1.58
CA PRO A 156 -1.34 5.81 -2.09
C PRO A 156 -0.15 5.18 -2.81
N THR A 157 -0.39 4.53 -3.94
CA THR A 157 0.70 3.92 -4.71
C THR A 157 1.55 5.00 -5.40
N GLY A 158 0.88 6.08 -5.82
CA GLY A 158 1.52 7.17 -6.53
C GLY A 158 1.34 7.15 -8.03
N HIS A 159 0.71 6.09 -8.54
CA HIS A 159 0.54 5.85 -9.97
C HIS A 159 -0.83 6.24 -10.49
N SER A 160 -1.79 5.34 -10.38
CA SER A 160 -3.14 5.65 -10.81
C SER A 160 -4.21 4.96 -9.98
N LEU A 161 -5.40 4.86 -10.54
CA LEU A 161 -6.50 4.17 -9.91
C LEU A 161 -6.46 2.70 -10.29
N LYS A 162 -6.62 1.82 -9.32
CA LYS A 162 -6.66 0.39 -9.60
C LYS A 162 -7.94 0.02 -10.32
N SER A 163 -7.83 -0.94 -11.24
CA SER A 163 -8.98 -1.43 -11.96
C SER A 163 -10.09 -1.89 -11.01
N ILE A 164 -9.70 -2.53 -9.92
CA ILE A 164 -10.66 -2.95 -8.91
C ILE A 164 -11.43 -1.76 -8.32
N ASP A 165 -10.74 -0.64 -8.12
CA ASP A 165 -11.38 0.55 -7.58
C ASP A 165 -12.38 1.19 -8.55
N LEU A 166 -12.06 1.20 -9.84
CA LEU A 166 -12.99 1.73 -10.84
C LEU A 166 -14.30 0.94 -10.83
N VAL A 167 -14.20 -0.38 -10.84
CA VAL A 167 -15.36 -1.26 -10.84
C VAL A 167 -16.20 -1.06 -9.59
N ALA A 168 -15.53 -1.06 -8.44
CA ALA A 168 -16.17 -0.79 -7.18
C ALA A 168 -16.90 0.57 -7.17
N MET A 169 -16.23 1.64 -7.60
CA MET A 169 -16.87 2.94 -7.56
C MET A 169 -18.02 3.03 -8.55
N LYS A 170 -17.86 2.35 -9.69
CA LYS A 170 -18.91 2.32 -10.70
C LYS A 170 -20.14 1.61 -10.18
N LYS A 171 -19.94 0.53 -9.44
CA LYS A 171 -21.07 -0.19 -8.84
C LYS A 171 -21.77 0.60 -7.74
N LEU A 172 -21.00 1.39 -7.00
CA LEU A 172 -21.56 2.12 -5.85
C LEU A 172 -22.24 3.44 -6.21
N GLU A 173 -21.94 3.98 -7.38
CA GLU A 173 -22.32 5.34 -7.74
C GLU A 173 -23.82 5.62 -7.60
N ASN A 174 -24.67 4.65 -7.94
CA ASN A 174 -26.12 4.84 -7.83
C ASN A 174 -26.74 4.21 -6.59
N LYS A 175 -25.89 3.80 -5.66
CA LYS A 175 -26.31 3.23 -4.39
C LYS A 175 -26.09 4.19 -3.23
N VAL A 176 -25.06 5.02 -3.36
CA VAL A 176 -24.60 5.82 -2.24
C VAL A 176 -23.78 7.01 -2.77
N ASN A 177 -23.74 8.09 -2.00
CA ASN A 177 -22.85 9.21 -2.30
C ASN A 177 -21.40 8.87 -2.04
N VAL A 178 -20.67 8.68 -3.12
CA VAL A 178 -19.29 8.23 -2.99
C VAL A 178 -18.32 9.40 -3.00
N ILE A 179 -17.47 9.50 -1.97
CA ILE A 179 -16.35 10.44 -1.94
C ILE A 179 -15.04 9.66 -1.89
N PRO A 180 -14.27 9.70 -2.97
CA PRO A 180 -12.99 9.01 -2.94
C PRO A 180 -12.00 9.78 -2.08
N VAL A 181 -11.20 9.06 -1.31
CA VAL A 181 -10.13 9.69 -0.54
C VAL A 181 -8.82 8.98 -0.81
N ILE A 182 -7.73 9.74 -0.73
CA ILE A 182 -6.41 9.16 -0.87
C ILE A 182 -5.92 8.87 0.54
N ALA A 183 -5.83 7.58 0.85
CA ALA A 183 -5.48 7.12 2.17
C ALA A 183 -4.02 7.43 2.40
N LYS A 184 -3.63 7.59 3.67
CA LYS A 184 -2.24 7.77 4.10
C LYS A 184 -1.49 8.70 3.16
N SER A 185 -2.04 9.89 2.92
CA SER A 185 -1.51 10.73 1.87
C SER A 185 -0.17 11.37 2.27
N ASP A 186 0.24 11.21 3.53
CA ASP A 186 1.60 11.57 3.95
C ASP A 186 2.68 10.68 3.29
N THR A 187 2.23 9.71 2.50
CA THR A 187 3.07 8.73 1.77
C THR A 187 3.59 9.37 0.50
N ILE A 188 2.96 10.48 0.13
CA ILE A 188 3.18 11.07 -1.19
C ILE A 188 3.67 12.52 -1.07
N THR A 189 4.71 12.88 -1.82
CA THR A 189 5.17 14.28 -1.80
C THR A 189 4.14 15.17 -2.48
N LYS A 190 4.20 16.48 -2.21
CA LYS A 190 3.18 17.39 -2.68
C LYS A 190 3.13 17.39 -4.22
N SER A 191 4.29 17.34 -4.84
CA SER A 191 4.39 17.35 -6.30
C SER A 191 3.80 16.09 -6.94
N GLU A 192 4.14 14.91 -6.43
CA GLU A 192 3.51 13.70 -6.98
C GLU A 192 2.02 13.62 -6.64
N LEU A 193 1.63 14.17 -5.49
CA LEU A 193 0.25 14.12 -5.06
C LEU A 193 -0.67 14.90 -6.01
N GLN A 194 -0.21 16.04 -6.51
CA GLN A 194 -0.98 16.78 -7.52
C GLN A 194 -1.22 15.93 -8.76
N LYS A 195 -0.16 15.35 -9.30
CA LYS A 195 -0.29 14.52 -10.49
C LYS A 195 -1.17 13.29 -10.25
N PHE A 196 -1.04 12.71 -9.06
CA PHE A 196 -1.80 11.51 -8.68
C PHE A 196 -3.30 11.81 -8.63
N LYS A 197 -3.66 12.93 -8.01
CA LYS A 197 -5.05 13.35 -7.95
C LYS A 197 -5.58 13.58 -9.36
N ALA A 198 -4.82 14.31 -10.17
CA ALA A 198 -5.20 14.59 -11.55
C ALA A 198 -5.48 13.31 -12.33
N ARG A 199 -4.62 12.30 -12.17
CA ARG A 199 -4.82 11.04 -12.90
C ARG A 199 -6.07 10.28 -12.46
N ILE A 200 -6.31 10.23 -11.15
CA ILE A 200 -7.53 9.63 -10.60
C ILE A 200 -8.80 10.32 -11.11
N LEU A 201 -8.83 11.64 -11.05
CA LEU A 201 -10.00 12.38 -11.54
C LEU A 201 -10.23 12.14 -13.02
N SER A 202 -9.13 12.05 -13.77
CA SER A 202 -9.20 11.76 -15.19
C SER A 202 -9.82 10.39 -15.50
N GLU A 203 -9.50 9.38 -14.68
CA GLU A 203 -10.05 8.05 -14.90
C GLU A 203 -11.51 7.97 -14.47
N ILE A 204 -11.84 8.70 -13.41
CA ILE A 204 -13.19 8.76 -12.91
C ILE A 204 -14.08 9.41 -13.97
N GLN A 205 -13.57 10.42 -14.65
CA GLN A 205 -14.34 11.13 -15.66
C GLN A 205 -14.41 10.37 -16.97
N SER A 206 -13.30 9.77 -17.39
CA SER A 206 -13.32 8.99 -18.61
C SER A 206 -14.14 7.70 -18.46
N ASN A 207 -14.36 7.25 -17.24
CA ASN A 207 -15.17 6.05 -17.01
C ASN A 207 -16.60 6.38 -16.62
N GLU A 208 -16.94 7.67 -16.73
CA GLU A 208 -18.29 8.17 -16.46
C GLU A 208 -18.79 7.77 -15.07
N ILE A 209 -17.91 7.90 -14.07
CA ILE A 209 -18.26 7.53 -12.71
C ILE A 209 -18.83 8.73 -11.93
N GLY A 210 -20.03 8.54 -11.38
CA GLY A 210 -20.77 9.59 -10.70
C GLY A 210 -20.46 9.74 -9.22
N ILE A 211 -19.31 10.32 -8.91
CA ILE A 211 -18.95 10.56 -7.52
C ILE A 211 -19.72 11.78 -7.01
N TYR A 212 -19.81 11.95 -5.69
CA TYR A 212 -20.62 13.03 -5.12
C TYR A 212 -19.93 14.40 -5.29
N GLN A 213 -20.71 15.46 -5.41
CA GLN A 213 -20.16 16.82 -5.43
C GLN A 213 -20.94 17.64 -4.44
N PHE A 214 -20.26 18.39 -3.60
CA PHE A 214 -20.95 19.27 -2.65
C PHE A 214 -21.67 20.38 -3.43
N PRO A 215 -22.85 20.80 -2.94
CA PRO A 215 -23.69 21.77 -3.66
C PRO A 215 -23.10 23.18 -3.62
N THR A 216 -23.15 23.88 -4.75
CA THR A 216 -22.61 25.24 -4.82
C THR A 216 -23.62 26.24 -5.36
N ASP A 217 -24.89 25.90 -5.34
CA ASP A 217 -25.89 26.80 -5.87
C ASP A 217 -26.36 27.80 -4.83
N ASP A 218 -26.11 27.52 -3.57
CA ASP A 218 -26.51 28.44 -2.50
C ASP A 218 -25.30 29.23 -2.07
N GLU A 219 -25.41 30.55 -2.17
CA GLU A 219 -24.29 31.44 -1.86
C GLU A 219 -23.85 31.34 -0.41
N ALA A 220 -24.73 30.88 0.46
CA ALA A 220 -24.41 30.75 1.86
C ALA A 220 -23.29 29.74 2.10
N VAL A 221 -23.06 28.88 1.11
CA VAL A 221 -22.07 27.84 1.23
C VAL A 221 -21.23 27.60 -0.03
N SER A 222 -21.41 28.39 -1.07
CA SER A 222 -20.73 28.08 -2.33
C SER A 222 -19.19 28.23 -2.26
N GLU A 223 -18.70 29.16 -1.43
CA GLU A 223 -17.26 29.31 -1.27
C GLU A 223 -16.65 28.09 -0.60
N THR A 224 -17.13 27.77 0.59
CA THR A 224 -16.69 26.55 1.27
C THR A 224 -16.78 25.32 0.38
N ASN A 225 -17.91 25.10 -0.27
CA ASN A 225 -18.16 23.84 -0.98
C ASN A 225 -17.41 23.73 -2.30
N SER A 226 -17.20 24.83 -3.00
CA SER A 226 -16.41 24.78 -4.22
C SER A 226 -14.95 24.45 -3.92
N VAL A 227 -14.42 25.00 -2.83
CA VAL A 227 -13.09 24.62 -2.37
C VAL A 227 -13.04 23.11 -1.99
N MET A 228 -14.07 22.62 -1.29
CA MET A 228 -14.16 21.18 -1.04
C MET A 228 -14.08 20.39 -2.33
N ASN A 229 -14.94 20.71 -3.28
CA ASN A 229 -14.96 19.97 -4.54
C ASN A 229 -13.62 19.98 -5.25
N GLN A 230 -12.92 21.10 -5.18
CA GLN A 230 -11.62 21.21 -5.84
C GLN A 230 -10.57 20.28 -5.24
N HIS A 231 -10.78 19.86 -3.99
CA HIS A 231 -9.79 19.00 -3.32
C HIS A 231 -10.12 17.53 -3.42
N ILE A 232 -11.28 17.19 -3.96
CA ILE A 232 -11.64 15.77 -4.12
C ILE A 232 -10.78 15.19 -5.26
N PRO A 233 -10.16 14.01 -5.06
CA PRO A 233 -10.20 13.09 -3.91
C PRO A 233 -9.38 13.63 -2.75
N PHE A 234 -9.98 13.63 -1.56
CA PHE A 234 -9.32 14.24 -0.43
C PHE A 234 -8.05 13.50 -0.02
N ALA A 235 -6.94 14.22 0.07
CA ALA A 235 -5.68 13.67 0.60
C ALA A 235 -5.76 13.68 2.12
N VAL A 236 -6.08 12.53 2.72
CA VAL A 236 -6.29 12.47 4.16
C VAL A 236 -5.13 11.85 4.94
N VAL A 237 -5.02 12.27 6.21
CA VAL A 237 -4.10 11.71 7.19
C VAL A 237 -4.84 11.60 8.52
N GLY A 238 -4.68 10.47 9.21
CA GLY A 238 -5.30 10.28 10.51
C GLY A 238 -4.26 10.23 11.62
N SER A 239 -4.70 10.49 12.85
CA SER A 239 -3.77 10.67 13.97
C SER A 239 -4.33 10.08 15.25
N SER A 240 -3.42 9.63 16.12
CA SER A 240 -3.82 9.07 17.41
C SER A 240 -3.02 9.75 18.50
N GLU A 241 -2.35 10.85 18.16
CA GLU A 241 -1.42 11.48 19.09
C GLU A 241 -1.52 13.00 19.08
N GLU A 242 -1.14 13.61 20.19
CA GLU A 242 -1.24 15.05 20.36
C GLU A 242 0.04 15.59 20.95
N VAL A 243 0.46 16.76 20.46
CA VAL A 243 1.63 17.44 21.02
C VAL A 243 1.27 18.84 21.47
N LYS A 244 2.16 19.45 22.25
CA LYS A 244 1.93 20.81 22.75
C LYS A 244 2.02 21.81 21.59
N ILE A 245 3.26 22.04 21.12
CA ILE A 245 3.54 22.93 19.99
C ILE A 245 2.81 24.26 20.05
N THR A 249 -1.51 22.46 21.85
CA THR A 249 -2.36 21.30 21.57
C THR A 249 -2.57 21.08 20.07
N VAL A 250 -1.91 20.06 19.53
CA VAL A 250 -1.93 19.81 18.10
C VAL A 250 -1.97 18.30 17.80
N ARG A 251 -2.88 17.88 16.93
CA ARG A 251 -3.00 16.47 16.58
C ARG A 251 -2.09 16.08 15.42
N VAL A 252 -1.26 15.07 15.63
CA VAL A 252 -0.15 14.83 14.73
C VAL A 252 0.09 13.36 14.43
N ARG A 253 0.80 13.12 13.33
CA ARG A 253 1.49 11.86 13.17
C ARG A 253 3.01 12.14 13.22
N GLN A 254 3.71 11.59 14.21
CA GLN A 254 5.11 11.99 14.48
C GLN A 254 6.16 11.02 13.93
N TYR A 255 7.05 11.55 13.08
CA TYR A 255 8.16 10.79 12.52
C TYR A 255 9.46 11.40 13.00
N PRO A 256 10.58 10.65 12.92
CA PRO A 256 11.86 11.23 13.35
C PRO A 256 12.22 12.53 12.62
N TRP A 257 11.78 12.67 11.38
CA TRP A 257 12.16 13.80 10.55
C TRP A 257 11.14 14.97 10.57
N GLY A 258 10.09 14.85 11.38
CA GLY A 258 9.05 15.86 11.45
C GLY A 258 7.66 15.30 11.71
N SER A 259 6.71 16.18 12.08
CA SER A 259 5.33 15.75 12.40
C SER A 259 4.28 16.26 11.41
N VAL A 260 3.40 15.39 10.95
CA VAL A 260 2.28 15.83 10.12
C VAL A 260 1.20 16.37 11.05
N GLN A 261 0.73 17.58 10.76
CA GLN A 261 -0.37 18.17 11.52
C GLN A 261 -1.65 17.93 10.71
N VAL A 262 -2.48 17.02 11.16
CA VAL A 262 -3.67 16.61 10.41
C VAL A 262 -4.65 17.76 10.17
N GLU A 263 -4.67 18.70 11.10
CA GLU A 263 -5.61 19.83 10.99
C GLU A 263 -5.01 21.01 10.22
N ASN A 264 -3.87 20.79 9.58
CA ASN A 264 -3.15 21.86 8.87
C ASN A 264 -3.33 21.65 7.35
N GLU A 265 -4.01 22.61 6.71
CA GLU A 265 -4.44 22.49 5.32
C GLU A 265 -3.24 22.41 4.35
N ASN A 266 -2.08 22.86 4.80
CA ASN A 266 -0.87 22.72 4.01
C ASN A 266 -0.26 21.30 4.06
N HIS A 267 -0.67 20.51 5.05
CA HIS A 267 -0.11 19.15 5.23
C HIS A 267 -1.01 18.11 4.57
N CYS A 268 -2.31 18.31 4.68
CA CYS A 268 -3.29 17.40 4.08
C CYS A 268 -4.67 18.05 4.01
N ASP A 269 -5.62 17.33 3.42
CA ASP A 269 -6.97 17.88 3.20
C ASP A 269 -7.94 17.46 4.29
N PHE A 270 -7.44 16.96 5.40
CA PHE A 270 -8.35 16.57 6.48
C PHE A 270 -9.34 17.68 6.87
N VAL A 271 -8.86 18.92 7.02
CA VAL A 271 -9.79 20.00 7.40
C VAL A 271 -10.92 20.21 6.38
N ARG A 272 -10.63 19.96 5.11
CA ARG A 272 -11.63 20.09 4.05
CA ARG A 272 -11.66 20.10 4.08
C ARG A 272 -12.66 18.95 4.13
N LEU A 273 -12.17 17.72 4.32
CA LEU A 273 -13.07 16.59 4.50
C LEU A 273 -14.03 16.82 5.66
N ARG A 274 -13.53 17.40 6.74
CA ARG A 274 -14.33 17.62 7.94
C ARG A 274 -15.55 18.56 7.72
N GLU A 275 -15.49 19.40 6.68
CA GLU A 275 -16.56 20.34 6.38
C GLU A 275 -17.78 19.62 5.84
N MET A 276 -17.62 18.33 5.54
CA MET A 276 -18.75 17.46 5.23
C MET A 276 -19.74 17.45 6.39
N LEU A 277 -19.24 17.70 7.59
CA LEU A 277 -20.06 17.64 8.81
C LEU A 277 -20.78 18.94 9.16
N LEU A 278 -20.61 19.97 8.32
CA LEU A 278 -21.45 21.16 8.48
C LEU A 278 -22.91 20.71 8.27
N ARG A 279 -23.82 21.32 9.03
CA ARG A 279 -25.24 20.95 8.97
C ARG A 279 -25.77 20.92 7.54
N VAL A 280 -25.53 21.97 6.78
CA VAL A 280 -25.99 22.05 5.39
C VAL A 280 -25.45 20.93 4.49
N ASN A 281 -24.24 20.43 4.77
CA ASN A 281 -23.70 19.36 3.93
C ASN A 281 -24.25 18.00 4.34
N MET A 282 -24.41 17.77 5.64
CA MET A 282 -25.07 16.54 6.08
C MET A 282 -26.49 16.52 5.53
N GLU A 283 -27.16 17.67 5.51
CA GLU A 283 -28.54 17.72 4.99
C GLU A 283 -28.60 17.40 3.50
N ASP A 284 -27.66 17.94 2.72
CA ASP A 284 -27.62 17.64 1.29
C ASP A 284 -27.32 16.16 1.02
N LEU A 285 -26.41 15.59 1.78
CA LEU A 285 -26.07 14.18 1.59
C LEU A 285 -27.28 13.32 1.90
N ARG A 286 -27.97 13.64 2.98
CA ARG A 286 -29.19 12.91 3.34
C ARG A 286 -30.27 13.07 2.27
N GLU A 287 -30.51 14.30 1.82
CA GLU A 287 -31.59 14.54 0.87
C GLU A 287 -31.32 13.75 -0.41
N ARG A 288 -30.07 13.73 -0.84
CA ARG A 288 -29.76 13.00 -2.05
C ARG A 288 -29.87 11.48 -1.83
N THR A 289 -29.51 11.01 -0.63
CA THR A 289 -29.64 9.59 -0.29
C THR A 289 -31.13 9.23 -0.38
N HIS A 290 -31.97 10.04 0.25
CA HIS A 290 -33.41 9.78 0.25
C HIS A 290 -34.09 9.92 -1.12
N GLY A 291 -33.77 10.99 -1.83
CA GLY A 291 -34.54 11.34 -3.02
C GLY A 291 -34.01 10.71 -4.30
N VAL A 292 -32.77 10.26 -4.25
CA VAL A 292 -32.16 9.74 -5.46
C VAL A 292 -31.83 8.26 -5.28
N HIS A 293 -30.86 7.96 -4.42
CA HIS A 293 -30.37 6.57 -4.28
C HIS A 293 -31.43 5.62 -3.73
N TYR A 294 -32.12 6.02 -2.68
CA TYR A 294 -33.18 5.20 -2.14
C TYR A 294 -34.31 5.02 -3.15
N GLU A 295 -34.69 6.09 -3.87
CA GLU A 295 -35.75 6.01 -4.88
C GLU A 295 -35.38 5.02 -5.96
N THR A 296 -34.12 4.98 -6.34
CA THR A 296 -33.71 4.05 -7.37
C THR A 296 -33.92 2.60 -6.88
N TYR A 297 -33.60 2.36 -5.62
CA TYR A 297 -33.77 1.06 -5.00
C TYR A 297 -35.27 0.74 -4.89
N ARG A 298 -36.03 1.66 -4.31
CA ARG A 298 -37.47 1.54 -4.15
C ARG A 298 -38.17 1.16 -5.46
N ARG A 299 -37.85 1.83 -6.56
CA ARG A 299 -38.55 1.57 -7.80
C ARG A 299 -38.34 0.13 -8.27
N GLN A 300 -37.12 -0.35 -8.12
CA GLN A 300 -36.80 -1.72 -8.53
C GLN A 300 -37.55 -2.71 -7.67
N ARG A 301 -37.56 -2.49 -6.36
CA ARG A 301 -38.27 -3.37 -5.44
C ARG A 301 -39.77 -3.35 -5.67
N LEU A 302 -40.36 -2.19 -5.97
CA LEU A 302 -41.79 -2.14 -6.23
C LEU A 302 -42.14 -2.93 -7.48
N ILE A 303 -41.24 -2.95 -8.46
CA ILE A 303 -41.45 -3.73 -9.67
C ILE A 303 -41.37 -5.22 -9.34
N GLU A 304 -40.45 -5.57 -8.45
CA GLU A 304 -40.29 -6.96 -8.05
C GLU A 304 -41.50 -7.44 -7.24
N MET A 305 -42.00 -6.60 -6.34
CA MET A 305 -43.06 -7.00 -5.42
C MET A 305 -44.48 -7.03 -6.03
N GLY A 306 -44.76 -6.13 -6.96
CA GLY A 306 -46.06 -6.06 -7.59
C GLY A 306 -47.14 -5.58 -6.63
N PHE B 40 32.97 -11.03 -12.69
CA PHE B 40 32.19 -11.18 -11.47
C PHE B 40 30.74 -10.67 -11.63
N VAL B 41 29.78 -11.57 -11.50
CA VAL B 41 28.39 -11.20 -11.68
C VAL B 41 27.63 -11.10 -10.36
N PHE B 42 26.63 -10.23 -10.34
CA PHE B 42 25.69 -10.20 -9.24
C PHE B 42 24.28 -9.88 -9.74
N ASN B 43 23.36 -10.80 -9.47
CA ASN B 43 21.99 -10.74 -9.99
C ASN B 43 20.96 -10.58 -8.90
N ILE B 44 20.20 -9.49 -8.97
CA ILE B 44 19.22 -9.12 -7.95
C ILE B 44 17.83 -9.10 -8.58
N LEU B 45 16.88 -9.73 -7.89
CA LEU B 45 15.46 -9.74 -8.28
C LEU B 45 14.62 -9.00 -7.22
N CYS B 46 13.79 -8.02 -7.63
CA CYS B 46 12.80 -7.40 -6.74
C CYS B 46 11.38 -7.81 -7.09
N VAL B 47 10.64 -8.26 -6.08
CA VAL B 47 9.29 -8.76 -6.27
C VAL B 47 8.33 -7.97 -5.42
N GLY B 48 7.19 -7.60 -5.98
CA GLY B 48 6.19 -6.89 -5.20
C GLY B 48 5.14 -6.22 -6.05
N GLU B 49 4.06 -5.78 -5.41
CA GLU B 49 2.97 -5.13 -6.14
C GLU B 49 3.44 -3.87 -6.87
N THR B 50 2.70 -3.48 -7.89
CA THR B 50 3.01 -2.29 -8.68
C THR B 50 3.03 -1.03 -7.82
N GLY B 51 4.04 -0.19 -8.02
CA GLY B 51 4.10 1.09 -7.33
C GLY B 51 4.54 1.01 -5.88
N ILE B 52 5.07 -0.14 -5.47
CA ILE B 52 5.53 -0.36 -4.09
C ILE B 52 6.96 0.21 -3.87
N GLY B 53 7.59 0.67 -4.94
CA GLY B 53 8.88 1.34 -4.84
C GLY B 53 10.09 0.50 -5.27
N LYS B 54 9.86 -0.53 -6.09
CA LYS B 54 10.95 -1.46 -6.43
C LYS B 54 12.02 -0.80 -7.31
N SER B 55 11.58 -0.17 -8.40
CA SER B 55 12.50 0.49 -9.31
C SER B 55 13.26 1.61 -8.59
N THR B 56 12.52 2.39 -7.80
CA THR B 56 13.12 3.48 -7.02
C THR B 56 14.22 2.96 -6.06
N LEU B 57 13.97 1.84 -5.39
CA LEU B 57 14.97 1.26 -4.49
CA LEU B 57 14.96 1.23 -4.49
C LEU B 57 16.23 0.82 -5.24
N LEU B 58 16.07 0.22 -6.42
CA LEU B 58 17.24 -0.22 -7.19
C LEU B 58 18.10 0.98 -7.59
N GLU B 59 17.42 2.04 -8.03
CA GLU B 59 18.14 3.23 -8.43
C GLU B 59 18.82 3.86 -7.22
N THR B 60 18.19 3.76 -6.06
CA THR B 60 18.78 4.36 -4.87
C THR B 60 20.00 3.56 -4.48
N LEU B 61 19.84 2.25 -4.51
CA LEU B 61 20.87 1.31 -4.08
C LEU B 61 22.17 1.51 -4.87
N PHE B 62 22.04 1.75 -6.17
CA PHE B 62 23.19 1.89 -7.03
C PHE B 62 23.47 3.34 -7.43
N ASN B 63 22.65 4.26 -6.94
CA ASN B 63 22.80 5.68 -7.23
C ASN B 63 22.92 5.88 -8.74
N GLN B 64 21.86 5.49 -9.46
CA GLN B 64 21.92 5.34 -10.89
C GLN B 64 20.52 5.16 -11.48
N LYS B 65 20.14 6.02 -12.43
CA LYS B 65 18.86 5.83 -13.13
C LYS B 65 18.98 4.71 -14.16
N PHE B 66 18.14 3.69 -14.06
CA PHE B 66 18.20 2.55 -14.96
C PHE B 66 17.14 2.60 -16.07
N ASP B 67 17.55 2.33 -17.30
CA ASP B 67 16.61 2.22 -18.41
C ASP B 67 16.09 0.78 -18.51
N PHE B 68 14.92 0.55 -17.91
CA PHE B 68 14.34 -0.80 -17.90
C PHE B 68 13.74 -1.22 -19.23
N SER B 69 13.89 -2.50 -19.53
CA SER B 69 13.36 -3.08 -20.77
C SER B 69 12.60 -4.39 -20.49
N PRO B 70 11.62 -4.71 -21.35
CA PRO B 70 10.85 -5.97 -21.27
C PRO B 70 11.75 -7.21 -21.24
N LYS B 79 4.77 -7.73 -17.09
CA LYS B 79 4.92 -7.69 -15.63
C LYS B 79 6.37 -7.95 -15.16
N LEU B 80 7.25 -8.17 -16.12
CA LEU B 80 8.65 -8.46 -15.82
C LEU B 80 9.56 -7.56 -16.66
N LYS B 81 10.56 -6.97 -16.03
CA LYS B 81 11.52 -6.16 -16.77
C LYS B 81 12.92 -6.38 -16.20
N ALA B 82 13.94 -6.10 -17.01
CA ALA B 82 15.31 -6.31 -16.54
C ALA B 82 16.30 -5.32 -17.15
N VAL B 83 17.38 -5.05 -16.42
CA VAL B 83 18.51 -4.32 -16.97
C VAL B 83 19.82 -5.01 -16.60
N THR B 84 20.78 -4.94 -17.51
CA THR B 84 22.14 -5.38 -17.22
C THR B 84 23.05 -4.16 -17.16
N TYR B 85 23.79 -4.05 -16.07
CA TYR B 85 24.56 -2.85 -15.79
C TYR B 85 25.93 -3.19 -15.23
N ASP B 86 26.97 -2.59 -15.81
CA ASP B 86 28.33 -2.77 -15.35
C ASP B 86 28.78 -1.67 -14.39
N LEU B 87 29.24 -2.09 -13.22
CA LEU B 87 29.99 -1.24 -12.31
C LEU B 87 31.44 -1.29 -12.73
N LYS B 88 32.03 -0.12 -12.95
CA LYS B 88 33.46 -0.02 -13.25
C LYS B 88 34.23 0.15 -11.96
N GLU B 89 35.51 -0.22 -12.00
CA GLU B 89 36.41 -0.19 -10.83
C GLU B 89 35.92 -1.09 -9.69
N ALA B 90 34.83 -1.82 -9.94
CA ALA B 90 34.30 -2.78 -8.99
C ALA B 90 34.31 -4.14 -9.66
N ASN B 91 34.45 -4.12 -10.99
CA ASN B 91 34.49 -5.33 -11.80
C ASN B 91 33.25 -6.21 -11.61
N VAL B 92 32.10 -5.58 -11.35
CA VAL B 92 30.84 -6.31 -11.16
C VAL B 92 29.84 -6.06 -12.28
N LYS B 93 29.35 -7.14 -12.88
CA LYS B 93 28.30 -7.04 -13.88
C LYS B 93 26.96 -7.42 -13.23
N LEU B 94 26.03 -6.46 -13.21
CA LEU B 94 24.77 -6.68 -12.52
C LEU B 94 23.66 -6.97 -13.50
N LYS B 95 22.78 -7.90 -13.14
CA LYS B 95 21.51 -7.99 -13.82
C LYS B 95 20.43 -7.74 -12.78
N LEU B 96 19.66 -6.66 -13.00
CA LEU B 96 18.56 -6.27 -12.12
C LEU B 96 17.23 -6.60 -12.77
N THR B 97 16.40 -7.35 -12.05
CA THR B 97 15.16 -7.81 -12.60
C THR B 97 14.02 -7.41 -11.67
N VAL B 98 12.94 -6.92 -12.26
CA VAL B 98 11.81 -6.47 -11.49
C VAL B 98 10.54 -7.18 -11.94
N VAL B 99 9.78 -7.67 -10.97
CA VAL B 99 8.61 -8.43 -11.27
C VAL B 99 7.45 -7.92 -10.45
N GLU B 100 6.40 -7.48 -11.12
CA GLU B 100 5.21 -7.07 -10.38
C GLU B 100 4.28 -8.25 -10.10
N THR B 101 3.97 -8.46 -8.82
CA THR B 101 2.99 -9.46 -8.45
C THR B 101 1.61 -8.84 -8.27
N CYS B 102 0.59 -9.68 -8.18
CA CYS B 102 -0.80 -9.23 -8.01
C CYS B 102 -1.17 -9.17 -6.54
N ASN B 109 -6.04 -16.65 -6.49
CA ASN B 109 -4.96 -17.22 -7.28
C ASN B 109 -3.62 -17.14 -6.55
N LYS B 110 -3.65 -17.46 -5.26
CA LYS B 110 -2.49 -17.29 -4.37
C LYS B 110 -1.21 -17.95 -4.89
N GLU B 111 -1.32 -19.15 -5.43
CA GLU B 111 -0.17 -19.89 -5.93
C GLU B 111 0.29 -19.42 -7.32
N ASN B 112 -0.65 -18.96 -8.13
CA ASN B 112 -0.34 -18.45 -9.47
C ASN B 112 0.40 -17.11 -9.39
N ASN B 113 0.25 -16.44 -8.26
CA ASN B 113 0.79 -15.10 -8.08
C ASN B 113 2.30 -15.06 -8.21
N ILE B 114 2.96 -16.08 -7.67
CA ILE B 114 4.42 -16.11 -7.68
C ILE B 114 4.98 -16.94 -8.83
N LYS B 115 4.13 -17.68 -9.52
CA LYS B 115 4.57 -18.51 -10.65
C LYS B 115 5.51 -17.81 -11.65
N PRO B 116 5.14 -16.62 -12.17
CA PRO B 116 6.07 -15.99 -13.12
C PRO B 116 7.49 -15.77 -12.55
N VAL B 117 7.60 -15.54 -11.23
CA VAL B 117 8.89 -15.35 -10.58
C VAL B 117 9.67 -16.66 -10.50
N VAL B 118 8.96 -17.71 -10.11
CA VAL B 118 9.56 -19.03 -10.04
C VAL B 118 10.02 -19.49 -11.41
N ASP B 119 9.17 -19.30 -12.42
CA ASP B 119 9.57 -19.62 -13.78
C ASP B 119 10.82 -18.84 -14.26
N TYR B 120 10.86 -17.53 -13.99
CA TYR B 120 12.05 -16.76 -14.35
C TYR B 120 13.31 -17.36 -13.74
N ILE B 121 13.24 -17.61 -12.43
CA ILE B 121 14.33 -18.21 -11.67
C ILE B 121 14.77 -19.57 -12.21
N ASP B 122 13.79 -20.44 -12.46
CA ASP B 122 14.04 -21.78 -13.01
C ASP B 122 14.76 -21.66 -14.35
N ASN B 123 14.37 -20.66 -15.14
CA ASN B 123 14.96 -20.48 -16.45
C ASN B 123 16.44 -20.09 -16.41
N GLN B 124 16.82 -19.33 -15.39
CA GLN B 124 18.22 -18.93 -15.30
C GLN B 124 19.04 -20.15 -14.88
N PHE B 125 18.48 -20.96 -13.97
CA PHE B 125 19.06 -22.24 -13.62
C PHE B 125 19.19 -23.15 -14.85
N GLU B 126 18.10 -23.29 -15.61
CA GLU B 126 18.11 -24.17 -16.81
C GLU B 126 19.20 -23.76 -17.80
N ASN B 127 19.31 -22.46 -18.07
CA ASN B 127 20.36 -21.96 -18.95
C ASN B 127 21.76 -22.33 -18.47
N TYR B 128 22.00 -22.23 -17.17
CA TYR B 128 23.30 -22.57 -16.63
C TYR B 128 23.54 -24.09 -16.73
N LEU B 129 22.52 -24.87 -16.42
CA LEU B 129 22.64 -26.33 -16.46
C LEU B 129 22.93 -26.80 -17.89
N GLN B 130 22.22 -26.24 -18.85
CA GLN B 130 22.44 -26.62 -20.23
C GLN B 130 23.86 -26.31 -20.69
N GLU B 131 24.42 -25.21 -20.20
CA GLU B 131 25.80 -24.87 -20.49
C GLU B 131 26.78 -25.84 -19.82
N GLU B 132 26.56 -26.18 -18.54
CA GLU B 132 27.42 -27.13 -17.81
C GLU B 132 27.50 -28.49 -18.51
N LEU B 133 26.38 -28.88 -19.12
CA LEU B 133 26.24 -30.21 -19.76
C LEU B 133 26.83 -30.31 -21.14
N LYS B 134 27.03 -29.17 -21.80
CA LYS B 134 27.57 -29.16 -23.17
C LYS B 134 28.95 -29.81 -23.27
N MET B 135 29.12 -30.60 -24.32
CA MET B 135 30.38 -31.21 -24.68
C MET B 135 31.43 -30.11 -24.82
N LYS B 136 31.21 -29.23 -25.78
CA LYS B 136 32.11 -28.11 -25.99
C LYS B 136 31.67 -26.88 -25.20
N ARG B 137 31.87 -26.92 -23.88
CA ARG B 137 31.43 -25.82 -23.04
C ARG B 137 32.54 -24.80 -22.75
N SER B 138 32.13 -23.60 -22.40
CA SER B 138 33.07 -22.58 -21.94
C SER B 138 32.38 -21.77 -20.87
N MET B 139 32.62 -22.14 -19.61
CA MET B 139 31.87 -21.59 -18.49
C MET B 139 32.32 -20.15 -18.19
N GLN B 140 33.59 -19.87 -18.40
CA GLN B 140 34.01 -18.48 -18.54
C GLN B 140 33.52 -18.11 -19.93
N ALA B 141 33.05 -16.87 -20.09
CA ALA B 141 32.35 -16.41 -21.31
C ALA B 141 30.87 -16.79 -21.40
N PHE B 142 30.40 -17.60 -20.46
CA PHE B 142 28.96 -17.79 -20.32
C PHE B 142 28.44 -16.71 -19.38
N HIS B 143 27.38 -16.00 -19.75
CA HIS B 143 26.83 -15.04 -18.82
C HIS B 143 25.85 -15.70 -17.86
N ASP B 144 26.32 -15.87 -16.64
CA ASP B 144 25.58 -16.45 -15.54
C ASP B 144 24.53 -15.46 -14.99
N THR B 145 23.26 -15.75 -15.24
CA THR B 145 22.13 -14.89 -14.85
C THR B 145 21.30 -15.46 -13.69
N ARG B 146 21.82 -16.48 -13.02
CA ARG B 146 21.15 -17.06 -11.87
C ARG B 146 20.96 -16.02 -10.76
N VAL B 147 19.77 -16.00 -10.16
CA VAL B 147 19.39 -14.95 -9.21
C VAL B 147 20.02 -15.19 -7.85
N HIS B 148 20.84 -14.23 -7.42
CA HIS B 148 21.57 -14.38 -6.17
C HIS B 148 20.82 -13.89 -4.95
N VAL B 149 19.88 -12.99 -5.17
CA VAL B 149 19.15 -12.45 -4.05
C VAL B 149 17.80 -11.93 -4.52
N CYS B 150 16.79 -12.17 -3.70
CA CYS B 150 15.43 -11.71 -4.03
C CYS B 150 14.99 -10.81 -2.89
N LEU B 151 14.78 -9.54 -3.22
CA LEU B 151 14.19 -8.60 -2.28
C LEU B 151 12.66 -8.70 -2.39
N TYR B 152 12.02 -9.19 -1.34
CA TYR B 152 10.56 -9.36 -1.35
C TYR B 152 9.91 -8.17 -0.63
N PHE B 153 9.17 -7.37 -1.38
CA PHE B 153 8.64 -6.08 -0.88
C PHE B 153 7.29 -6.25 -0.20
N ILE B 154 7.26 -6.05 1.11
CA ILE B 154 6.05 -6.14 1.92
C ILE B 154 5.42 -4.73 2.04
N ALA B 155 4.13 -4.61 1.77
CA ALA B 155 3.47 -3.31 1.84
C ALA B 155 3.35 -2.83 3.29
N PRO B 156 3.51 -1.50 3.52
CA PRO B 156 3.50 -1.01 4.90
C PRO B 156 2.09 -0.77 5.42
N THR B 157 1.31 -1.83 5.59
CA THR B 157 -0.04 -1.72 6.16
C THR B 157 0.06 -1.42 7.65
N GLY B 158 1.14 -1.87 8.28
CA GLY B 158 1.34 -1.66 9.70
C GLY B 158 0.67 -2.74 10.54
N HIS B 159 0.03 -3.70 9.88
CA HIS B 159 -0.59 -4.84 10.56
C HIS B 159 0.37 -6.02 10.61
N SER B 160 0.35 -6.83 9.56
CA SER B 160 1.28 -7.95 9.47
C SER B 160 1.44 -8.43 8.02
N LEU B 161 2.04 -9.62 7.88
CA LEU B 161 2.23 -10.25 6.58
C LEU B 161 0.91 -10.71 6.00
N LYS B 162 0.65 -10.36 4.74
CA LYS B 162 -0.52 -10.89 4.06
C LYS B 162 -0.34 -12.38 3.80
N SER B 163 -1.44 -13.13 3.77
CA SER B 163 -1.37 -14.56 3.50
C SER B 163 -0.64 -14.84 2.18
N ILE B 164 -0.89 -13.98 1.19
CA ILE B 164 -0.25 -14.08 -0.11
C ILE B 164 1.29 -14.00 -0.02
N ASP B 165 1.80 -13.19 0.89
CA ASP B 165 3.24 -12.99 1.03
C ASP B 165 3.88 -14.19 1.71
N LEU B 166 3.16 -14.79 2.65
CA LEU B 166 3.61 -16.04 3.28
C LEU B 166 3.76 -17.18 2.26
N VAL B 167 2.76 -17.35 1.41
CA VAL B 167 2.81 -18.38 0.38
C VAL B 167 3.96 -18.15 -0.60
N ALA B 168 4.09 -16.91 -1.06
CA ALA B 168 5.14 -16.51 -1.99
C ALA B 168 6.53 -16.78 -1.45
N MET B 169 6.78 -16.37 -0.21
CA MET B 169 8.11 -16.54 0.34
C MET B 169 8.39 -18.01 0.63
N LYS B 170 7.34 -18.76 0.99
CA LYS B 170 7.48 -20.22 1.15
C LYS B 170 7.85 -20.92 -0.16
N LYS B 171 7.24 -20.53 -1.28
CA LYS B 171 7.55 -21.11 -2.58
C LYS B 171 8.95 -20.72 -3.07
N LEU B 172 9.46 -19.59 -2.61
CA LEU B 172 10.75 -19.08 -3.09
C LEU B 172 11.92 -19.56 -2.27
N GLU B 173 11.65 -20.00 -1.04
CA GLU B 173 12.70 -20.20 -0.05
C GLU B 173 13.82 -21.13 -0.50
N ASN B 174 13.49 -22.18 -1.26
CA ASN B 174 14.51 -23.11 -1.76
C ASN B 174 14.90 -22.85 -3.22
N LYS B 175 14.56 -21.66 -3.72
CA LYS B 175 14.87 -21.30 -5.09
C LYS B 175 15.85 -20.15 -5.19
N VAL B 176 15.89 -19.33 -4.13
CA VAL B 176 16.60 -18.03 -4.13
C VAL B 176 16.80 -17.57 -2.70
N ASN B 177 17.86 -16.82 -2.46
CA ASN B 177 18.06 -16.20 -1.16
C ASN B 177 17.04 -15.05 -0.96
N VAL B 178 16.01 -15.30 -0.16
CA VAL B 178 14.98 -14.28 0.03
C VAL B 178 15.29 -13.33 1.19
N ILE B 179 15.28 -12.02 0.90
CA ILE B 179 15.36 -11.00 1.93
C ILE B 179 14.09 -10.13 1.94
N PRO B 180 13.25 -10.30 2.94
CA PRO B 180 12.02 -9.50 2.99
C PRO B 180 12.37 -8.05 3.36
N VAL B 181 11.74 -7.09 2.70
CA VAL B 181 11.87 -5.68 3.07
C VAL B 181 10.50 -5.06 3.24
N ILE B 182 10.42 -4.07 4.14
CA ILE B 182 9.21 -3.29 4.34
C ILE B 182 9.32 -2.07 3.47
N ALA B 183 8.53 -2.05 2.42
CA ALA B 183 8.54 -0.99 1.43
C ALA B 183 8.03 0.35 2.01
N LYS B 184 8.51 1.45 1.43
CA LYS B 184 8.09 2.81 1.82
C LYS B 184 7.99 2.93 3.33
N SER B 185 9.06 2.60 4.04
CA SER B 185 8.98 2.53 5.50
C SER B 185 8.87 3.92 6.16
N ASP B 186 9.03 4.98 5.37
CA ASP B 186 8.68 6.32 5.87
C ASP B 186 7.17 6.47 6.13
N THR B 187 6.39 5.44 5.79
CA THR B 187 4.92 5.37 5.98
C THR B 187 4.59 5.03 7.43
N ILE B 188 5.60 4.54 8.15
CA ILE B 188 5.34 3.93 9.43
C ILE B 188 6.09 4.65 10.55
N THR B 189 5.43 4.92 11.68
CA THR B 189 6.12 5.56 12.80
C THR B 189 7.03 4.56 13.50
N LYS B 190 7.97 5.07 14.29
CA LYS B 190 8.99 4.22 14.92
C LYS B 190 8.39 3.13 15.80
N SER B 191 7.37 3.48 16.60
CA SER B 191 6.69 2.49 17.44
C SER B 191 5.87 1.49 16.62
N GLU B 192 5.15 1.97 15.61
CA GLU B 192 4.46 1.06 14.68
C GLU B 192 5.43 0.09 13.98
N LEU B 193 6.64 0.55 13.69
CA LEU B 193 7.57 -0.27 12.90
C LEU B 193 8.12 -1.41 13.73
N GLN B 194 8.51 -1.13 14.97
CA GLN B 194 9.01 -2.16 15.88
C GLN B 194 7.99 -3.30 16.02
N LYS B 195 6.71 -2.95 16.18
CA LYS B 195 5.65 -3.95 16.27
C LYS B 195 5.46 -4.71 14.94
N PHE B 196 5.46 -3.97 13.84
CA PHE B 196 5.28 -4.52 12.50
C PHE B 196 6.39 -5.52 12.15
N LYS B 197 7.64 -5.16 12.44
CA LYS B 197 8.80 -6.02 12.20
C LYS B 197 8.68 -7.31 13.00
N ALA B 198 8.35 -7.16 14.29
CA ALA B 198 8.14 -8.32 15.15
C ALA B 198 7.10 -9.30 14.59
N ARG B 199 5.91 -8.79 14.22
CA ARG B 199 4.83 -9.67 13.73
C ARG B 199 5.22 -10.40 12.45
N ILE B 200 5.92 -9.69 11.58
CA ILE B 200 6.41 -10.28 10.35
C ILE B 200 7.37 -11.42 10.69
N LEU B 201 8.30 -11.16 11.62
CA LEU B 201 9.29 -12.18 11.97
C LEU B 201 8.58 -13.37 12.61
N SER B 202 7.60 -13.06 13.44
CA SER B 202 6.85 -14.09 14.15
C SER B 202 6.22 -15.06 13.17
N GLU B 203 5.65 -14.51 12.11
CA GLU B 203 4.95 -15.28 11.09
C GLU B 203 5.91 -16.08 10.23
N ILE B 204 7.04 -15.48 9.89
CA ILE B 204 8.05 -16.20 9.12
C ILE B 204 8.54 -17.40 9.93
N GLN B 205 8.77 -17.21 11.22
CA GLN B 205 9.24 -18.28 12.09
C GLN B 205 8.14 -19.31 12.27
N SER B 206 6.94 -18.84 12.55
CA SER B 206 5.77 -19.71 12.74
C SER B 206 5.50 -20.58 11.50
N ASN B 207 5.59 -19.99 10.31
CA ASN B 207 5.34 -20.74 9.08
C ASN B 207 6.60 -21.43 8.53
N GLU B 208 7.66 -21.43 9.32
CA GLU B 208 8.93 -22.10 9.00
C GLU B 208 9.46 -21.70 7.62
N ILE B 209 9.51 -20.40 7.35
CA ILE B 209 9.98 -19.91 6.07
C ILE B 209 11.47 -19.62 6.15
N GLY B 210 12.25 -20.25 5.28
CA GLY B 210 13.69 -20.14 5.32
C GLY B 210 14.27 -18.92 4.61
N ILE B 211 14.12 -17.75 5.20
CA ILE B 211 14.69 -16.53 4.59
C ILE B 211 16.21 -16.52 4.74
N TYR B 212 16.86 -15.68 3.96
CA TYR B 212 18.32 -15.65 4.01
C TYR B 212 18.81 -14.98 5.29
N GLN B 213 19.94 -15.44 5.81
CA GLN B 213 20.64 -14.79 6.93
C GLN B 213 22.09 -14.55 6.53
N PHE B 214 22.64 -13.39 6.89
CA PHE B 214 24.03 -13.07 6.54
C PHE B 214 25.00 -13.87 7.42
N PRO B 215 26.11 -14.33 6.83
CA PRO B 215 27.04 -15.22 7.55
C PRO B 215 27.70 -14.53 8.75
N THR B 216 27.72 -15.22 9.88
CA THR B 216 28.30 -14.66 11.09
C THR B 216 29.52 -15.46 11.62
N ASP B 217 30.11 -16.26 10.74
CA ASP B 217 31.20 -17.16 11.11
C ASP B 217 32.58 -16.49 11.13
N ASP B 218 32.94 -15.82 10.04
CA ASP B 218 34.22 -15.11 9.95
C ASP B 218 34.24 -13.92 10.90
N GLU B 219 35.14 -13.96 11.88
CA GLU B 219 35.15 -12.99 12.97
C GLU B 219 35.10 -11.50 12.58
N ALA B 220 35.44 -11.19 11.32
CA ALA B 220 35.42 -9.80 10.86
C ALA B 220 35.03 -9.68 9.38
N VAL B 221 33.90 -9.04 9.11
CA VAL B 221 33.05 -8.47 10.15
C VAL B 221 31.80 -9.30 10.41
N SER B 222 31.89 -10.12 11.46
CA SER B 222 30.74 -10.83 11.99
C SER B 222 29.81 -9.81 12.64
N GLU B 223 30.41 -8.76 13.21
CA GLU B 223 29.69 -7.69 13.87
C GLU B 223 28.72 -7.00 12.92
N THR B 224 29.26 -6.50 11.81
CA THR B 224 28.44 -5.88 10.78
C THR B 224 27.30 -6.82 10.35
N ASN B 225 27.64 -8.06 10.06
CA ASN B 225 26.64 -9.01 9.57
C ASN B 225 25.56 -9.38 10.57
N SER B 226 25.96 -9.54 11.83
CA SER B 226 25.03 -9.87 12.90
C SER B 226 24.00 -8.76 13.14
N VAL B 227 24.41 -7.50 12.96
CA VAL B 227 23.51 -6.37 13.09
C VAL B 227 22.61 -6.22 11.87
N MET B 228 23.09 -6.65 10.71
CA MET B 228 22.22 -6.67 9.53
C MET B 228 21.07 -7.63 9.80
N ASN B 229 21.40 -8.85 10.23
CA ASN B 229 20.40 -9.85 10.54
C ASN B 229 19.36 -9.39 11.56
N GLN B 230 19.82 -8.65 12.56
CA GLN B 230 18.92 -8.04 13.54
C GLN B 230 17.90 -7.06 12.94
N HIS B 231 18.20 -6.49 11.78
CA HIS B 231 17.36 -5.46 11.17
C HIS B 231 16.37 -6.04 10.15
N ILE B 232 16.56 -7.28 9.73
CA ILE B 232 15.62 -7.94 8.84
C ILE B 232 14.25 -8.13 9.51
N PRO B 233 13.15 -7.75 8.82
CA PRO B 233 13.05 -7.25 7.44
C PRO B 233 13.44 -5.77 7.36
N PHE B 234 14.21 -5.38 6.35
CA PHE B 234 14.77 -4.05 6.27
C PHE B 234 13.68 -3.04 5.96
N ALA B 235 13.61 -2.00 6.79
CA ALA B 235 12.73 -0.88 6.55
C ALA B 235 13.39 0.04 5.51
N VAL B 236 12.96 -0.03 4.25
CA VAL B 236 13.70 0.71 3.24
C VAL B 236 12.94 1.95 2.77
N VAL B 237 13.68 2.99 2.44
CA VAL B 237 13.13 4.16 1.73
C VAL B 237 13.96 4.38 0.47
N GLY B 238 13.31 4.56 -0.67
CA GLY B 238 14.00 4.93 -1.90
C GLY B 238 13.66 6.36 -2.36
N SER B 239 14.50 6.95 -3.22
CA SER B 239 14.17 8.25 -3.83
C SER B 239 14.99 8.61 -5.07
N SER B 240 14.32 9.15 -6.08
CA SER B 240 14.98 9.70 -7.28
C SER B 240 15.53 11.10 -7.03
N GLU B 241 15.10 11.73 -5.96
CA GLU B 241 15.46 13.11 -5.66
C GLU B 241 16.73 13.21 -4.81
N GLU B 242 17.65 14.08 -5.22
CA GLU B 242 18.89 14.25 -4.48
C GLU B 242 19.29 15.71 -4.24
N VAL B 243 19.93 15.95 -3.11
CA VAL B 243 20.46 17.27 -2.78
C VAL B 243 21.93 17.13 -2.43
N LYS B 244 22.69 18.19 -2.66
CA LYS B 244 24.08 18.21 -2.24
C LYS B 244 24.14 18.78 -0.84
N ILE B 245 24.72 18.01 0.08
CA ILE B 245 24.83 18.42 1.48
C ILE B 245 26.27 18.25 1.90
N ASN B 246 26.90 19.36 2.27
CA ASN B 246 28.33 19.36 2.61
C ASN B 246 29.14 18.70 1.50
N GLY B 247 28.88 19.10 0.27
CA GLY B 247 29.61 18.59 -0.88
C GLY B 247 29.43 17.12 -1.18
N LYS B 248 28.38 16.51 -0.62
CA LYS B 248 28.12 15.10 -0.83
C LYS B 248 26.71 14.92 -1.37
N THR B 249 26.53 14.03 -2.33
CA THR B 249 25.22 13.84 -2.93
C THR B 249 24.36 12.90 -2.09
N VAL B 250 23.17 13.35 -1.73
CA VAL B 250 22.32 12.63 -0.77
C VAL B 250 20.88 12.50 -1.27
N ARG B 251 20.33 11.29 -1.21
CA ARG B 251 18.95 11.07 -1.62
C ARG B 251 17.97 11.33 -0.47
N VAL B 252 16.90 12.08 -0.77
CA VAL B 252 15.92 12.46 0.23
C VAL B 252 14.47 12.38 -0.31
N ARG B 253 13.50 12.23 0.58
CA ARG B 253 12.08 12.42 0.25
CA ARG B 253 12.10 12.43 0.24
C ARG B 253 11.61 13.66 0.99
N GLN B 254 11.29 14.72 0.27
CA GLN B 254 10.99 15.99 0.93
C GLN B 254 9.49 16.26 1.07
N TYR B 255 9.03 16.41 2.30
CA TYR B 255 7.63 16.72 2.61
C TYR B 255 7.52 18.11 3.24
N PRO B 256 6.30 18.67 3.28
CA PRO B 256 6.15 19.98 3.91
C PRO B 256 6.61 20.00 5.37
N TRP B 257 6.50 18.88 6.07
CA TRP B 257 6.86 18.80 7.49
C TRP B 257 8.28 18.30 7.73
N GLY B 258 9.03 17.98 6.68
CA GLY B 258 10.39 17.51 6.84
C GLY B 258 10.86 16.56 5.74
N SER B 259 12.12 16.13 5.85
CA SER B 259 12.76 15.34 4.81
C SER B 259 13.34 14.08 5.36
N VAL B 260 12.98 12.96 4.73
CA VAL B 260 13.53 11.66 5.07
C VAL B 260 14.89 11.53 4.37
N GLN B 261 15.92 11.25 5.14
CA GLN B 261 17.25 11.06 4.55
C GLN B 261 17.51 9.57 4.43
N VAL B 262 17.65 9.13 3.20
CA VAL B 262 17.75 7.69 2.91
C VAL B 262 18.95 7.09 3.59
N GLU B 263 20.05 7.84 3.65
CA GLU B 263 21.30 7.30 4.14
C GLU B 263 21.48 7.55 5.63
N ASN B 264 20.44 8.07 6.28
CA ASN B 264 20.44 8.27 7.72
C ASN B 264 19.86 7.01 8.36
N GLU B 265 20.65 6.33 9.19
CA GLU B 265 20.23 5.06 9.81
C GLU B 265 19.15 5.26 10.88
N ASN B 266 18.98 6.49 11.35
CA ASN B 266 17.90 6.78 12.28
C ASN B 266 16.54 6.99 11.59
N HIS B 267 16.56 7.13 10.26
CA HIS B 267 15.34 7.29 9.47
C HIS B 267 14.85 5.95 8.86
N CYS B 268 15.78 5.14 8.35
CA CYS B 268 15.45 3.84 7.79
C CYS B 268 16.68 2.92 7.80
N ASP B 269 16.53 1.74 7.23
CA ASP B 269 17.56 0.71 7.27
C ASP B 269 18.29 0.64 5.93
N PHE B 270 18.09 1.61 5.06
CA PHE B 270 18.75 1.55 3.76
C PHE B 270 20.28 1.31 3.86
N VAL B 271 20.94 2.02 4.77
CA VAL B 271 22.40 1.81 4.93
C VAL B 271 22.73 0.38 5.33
N ARG B 272 21.82 -0.28 6.05
CA ARG B 272 22.05 -1.67 6.42
CA ARG B 272 22.06 -1.67 6.43
C ARG B 272 21.83 -2.58 5.23
N LEU B 273 20.83 -2.28 4.43
CA LEU B 273 20.59 -3.06 3.21
C LEU B 273 21.77 -2.94 2.24
N ARG B 274 22.33 -1.75 2.14
CA ARG B 274 23.43 -1.50 1.21
C ARG B 274 24.69 -2.34 1.50
N GLU B 275 24.84 -2.78 2.74
CA GLU B 275 26.03 -3.56 3.11
C GLU B 275 25.97 -4.97 2.53
N MET B 276 24.84 -5.32 1.92
CA MET B 276 24.77 -6.59 1.20
C MET B 276 25.69 -6.51 -0.02
N LEU B 277 25.98 -5.30 -0.46
CA LEU B 277 26.86 -5.10 -1.61
C LEU B 277 28.33 -5.19 -1.27
N LEU B 278 28.67 -5.39 0.00
CA LEU B 278 30.07 -5.63 0.35
C LEU B 278 30.49 -6.90 -0.37
N ARG B 279 31.72 -6.90 -0.87
CA ARG B 279 32.26 -8.05 -1.59
C ARG B 279 32.04 -9.38 -0.85
N VAL B 280 32.29 -9.40 0.46
CA VAL B 280 32.15 -10.67 1.19
C VAL B 280 30.70 -11.17 1.20
N ASN B 281 29.74 -10.24 1.25
CA ASN B 281 28.34 -10.63 1.32
C ASN B 281 27.81 -11.02 -0.04
N MET B 282 28.23 -10.32 -1.09
CA MET B 282 27.91 -10.76 -2.43
C MET B 282 28.45 -12.18 -2.68
N GLU B 283 29.65 -12.45 -2.16
CA GLU B 283 30.24 -13.77 -2.36
C GLU B 283 29.45 -14.84 -1.63
N ASP B 284 29.00 -14.56 -0.40
CA ASP B 284 28.21 -15.53 0.32
C ASP B 284 26.87 -15.83 -0.37
N LEU B 285 26.26 -14.79 -0.94
CA LEU B 285 24.99 -14.96 -1.61
C LEU B 285 25.17 -15.76 -2.90
N ARG B 286 26.25 -15.50 -3.62
CA ARG B 286 26.58 -16.24 -4.83
C ARG B 286 26.90 -17.71 -4.53
N GLU B 287 27.76 -17.95 -3.55
CA GLU B 287 28.15 -19.31 -3.16
C GLU B 287 26.90 -20.10 -2.73
N ARG B 288 26.06 -19.49 -1.90
CA ARG B 288 24.84 -20.18 -1.51
C ARG B 288 23.90 -20.46 -2.71
N THR B 289 23.83 -19.53 -3.64
CA THR B 289 23.05 -19.76 -4.85
C THR B 289 23.61 -20.96 -5.67
N HIS B 290 24.92 -21.00 -5.84
CA HIS B 290 25.55 -21.99 -6.70
C HIS B 290 25.49 -23.37 -6.05
N GLY B 291 25.77 -23.41 -4.76
CA GLY B 291 25.99 -24.66 -4.06
C GLY B 291 24.74 -25.20 -3.42
N VAL B 292 23.71 -24.38 -3.26
CA VAL B 292 22.52 -24.88 -2.60
C VAL B 292 21.30 -24.84 -3.50
N HIS B 293 20.86 -23.64 -3.90
CA HIS B 293 19.62 -23.52 -4.67
C HIS B 293 19.71 -24.09 -6.07
N TYR B 294 20.79 -23.77 -6.76
CA TYR B 294 21.02 -24.32 -8.09
C TYR B 294 21.17 -25.85 -8.01
N GLU B 295 21.80 -26.34 -6.95
CA GLU B 295 21.97 -27.80 -6.82
C GLU B 295 20.61 -28.49 -6.63
N THR B 296 19.72 -27.89 -5.87
CA THR B 296 18.37 -28.43 -5.74
C THR B 296 17.69 -28.57 -7.11
N TYR B 297 17.77 -27.51 -7.89
CA TYR B 297 17.25 -27.54 -9.25
C TYR B 297 17.91 -28.62 -10.10
N ARG B 298 19.25 -28.62 -10.11
CA ARG B 298 20.01 -29.59 -10.88
C ARG B 298 19.62 -31.04 -10.54
N ARG B 299 19.45 -31.34 -9.26
CA ARG B 299 19.19 -32.74 -8.90
C ARG B 299 17.86 -33.17 -9.48
N GLN B 300 16.83 -32.33 -9.33
CA GLN B 300 15.50 -32.65 -9.87
CA GLN B 300 15.52 -32.69 -9.85
C GLN B 300 15.56 -32.79 -11.38
N ARG B 301 16.30 -31.89 -12.03
CA ARG B 301 16.44 -31.98 -13.49
C ARG B 301 17.18 -33.24 -13.95
N LEU B 302 18.24 -33.62 -13.26
CA LEU B 302 19.02 -34.78 -13.67
C LEU B 302 18.17 -36.06 -13.62
N ILE B 303 17.29 -36.16 -12.63
CA ILE B 303 16.32 -37.23 -12.57
C ILE B 303 15.36 -37.17 -13.75
N GLU B 304 14.91 -35.97 -14.12
CA GLU B 304 13.96 -35.87 -15.24
C GLU B 304 14.62 -36.22 -16.56
N MET B 305 15.90 -35.90 -16.70
CA MET B 305 16.57 -36.13 -17.98
C MET B 305 16.90 -37.59 -18.17
N GLY B 306 17.00 -38.32 -17.05
CA GLY B 306 17.23 -39.75 -17.10
C GLY B 306 18.64 -40.16 -17.52
#